data_7N3L
#
_entry.id   7N3L
#
_cell.length_a   58.494
_cell.length_b   63.679
_cell.length_c   124.637
_cell.angle_alpha   90.000
_cell.angle_beta   90.000
_cell.angle_gamma   90.000
#
_symmetry.space_group_name_H-M   'P 21 21 21'
#
loop_
_entity.id
_entity.type
_entity.pdbx_description
1 polymer 'Cholesterol 24-hydroxylase'
2 non-polymer 'PROTOPORPHYRIN IX CONTAINING FE'
3 non-polymer 1,2-ETHANEDIOL
4 non-polymer N-cyclopropyl-1-(4-phenylpyridin-3-yl)piperidine-4-carboxamide
5 non-polymer GLYCEROL
6 water water
#
_entity_poly.entity_id   1
_entity_poly.type   'polypeptide(L)'
_entity_poly.pdbx_seq_one_letter_code
;MHHHHHHSRYEHIPGPPRPSFLLGHLPCFWKKDEVGGRVLQDVFLDWAKKYGPVVRVNVFHKTSVIVTSPESVKKFLMST
KYNKDSKMYRALQTVFGERLFGQGLVSECNYERWHKQRRVIDLAFSRSSLVSLMETFNEKAEQLVEILEAKADGQTPVSM
QDMLTYTAMDILAKAAFGMETSMLLGAQKPLSQAVKLMLEGITASRNTLAKFLPGKRKQLREVRESIRFLRQVGRDWVQR
RREALKRGEEVPADILTQILKAEEGAQDDEGLLDNFVTFFIAGHETSANHLAFTVMELSRQPEIVARLQAEVDEVIGSKR
YLDFEDLGRLQYLSQVLKESLRLYPPAWGTFRLLEEETLIDGVRVPGNTPLLFSTYVMGRMDTYFEDPLTFNPDRFGPGA
PKPRFTYFPFSLGHRSCIGQQFAQMEVKVVMAKLLQRLEFRLVPGQRFGLQEQATLKPLDPVLCTLRPRGWQPA
;
_entity_poly.pdbx_strand_id   A
#
loop_
_chem_comp.id
_chem_comp.type
_chem_comp.name
_chem_comp.formula
04Y non-polymer N-cyclopropyl-1-(4-phenylpyridin-3-yl)piperidine-4-carboxamide 'C20 H23 N3 O'
EDO non-polymer 1,2-ETHANEDIOL 'C2 H6 O2'
GOL non-polymer GLYCEROL 'C3 H8 O3'
HEM non-polymer 'PROTOPORPHYRIN IX CONTAINING FE' 'C34 H32 Fe N4 O4'
#
# COMPACT_ATOMS: atom_id res chain seq x y z
N SER A 8 -26.16 15.42 -17.85
CA SER A 8 -27.00 16.46 -17.33
C SER A 8 -27.16 16.28 -15.81
N ARG A 9 -27.25 15.06 -15.26
CA ARG A 9 -27.61 14.85 -13.83
C ARG A 9 -26.52 15.46 -12.91
N TYR A 10 -25.29 15.61 -13.41
CA TYR A 10 -24.16 16.19 -12.64
C TYR A 10 -23.73 17.58 -13.14
N GLU A 11 -24.31 18.12 -14.21
CA GLU A 11 -23.78 19.34 -14.87
C GLU A 11 -23.78 20.54 -13.89
N HIS A 12 -24.68 20.58 -12.90
CA HIS A 12 -24.77 21.67 -11.89
C HIS A 12 -23.62 21.62 -10.89
N ILE A 13 -22.94 20.50 -10.74
CA ILE A 13 -21.84 20.38 -9.74
C ILE A 13 -20.63 21.16 -10.23
N PRO A 14 -19.93 21.90 -9.34
CA PRO A 14 -18.73 22.63 -9.74
C PRO A 14 -17.71 21.71 -10.43
N GLY A 15 -17.01 22.23 -11.42
CA GLY A 15 -15.90 21.49 -12.04
C GLY A 15 -15.51 22.10 -13.37
N PRO A 16 -14.55 21.45 -14.08
CA PRO A 16 -13.98 22.03 -15.30
C PRO A 16 -15.00 21.97 -16.45
N PRO A 17 -14.92 22.90 -17.44
CA PRO A 17 -15.98 23.15 -18.42
C PRO A 17 -16.04 22.29 -19.69
N GLY A 37 5.93 12.75 -14.95
CA GLY A 37 5.72 12.28 -13.56
C GLY A 37 4.54 12.95 -12.88
N ARG A 38 3.58 13.47 -13.66
CA ARG A 38 2.23 13.90 -13.16
C ARG A 38 1.25 12.73 -13.25
N VAL A 39 0.29 12.68 -12.35
CA VAL A 39 -0.73 11.63 -12.34
C VAL A 39 -2.09 12.36 -12.32
N LEU A 40 -3.16 11.63 -12.59
CA LEU A 40 -4.50 12.25 -12.62
C LEU A 40 -4.79 12.88 -11.25
N GLN A 41 -4.24 12.32 -10.17
CA GLN A 41 -4.50 12.94 -8.83
C GLN A 41 -4.00 14.39 -8.77
N ASP A 42 -3.02 14.79 -9.58
CA ASP A 42 -2.50 16.18 -9.62
C ASP A 42 -3.53 17.09 -10.30
N VAL A 43 -4.19 16.59 -11.33
CA VAL A 43 -5.28 17.31 -12.02
C VAL A 43 -6.40 17.48 -11.01
N PHE A 44 -6.75 16.42 -10.27
CA PHE A 44 -7.85 16.50 -9.29
C PHE A 44 -7.50 17.54 -8.23
N LEU A 45 -6.23 17.57 -7.82
CA LEU A 45 -5.77 18.56 -6.81
C LEU A 45 -6.03 19.98 -7.36
N ASP A 46 -5.62 20.24 -8.60
CA ASP A 46 -5.79 21.58 -9.22
C ASP A 46 -7.29 21.93 -9.20
N TRP A 47 -8.14 20.96 -9.53
CA TRP A 47 -9.62 21.23 -9.61
C TRP A 47 -10.20 21.45 -8.22
N ALA A 48 -9.76 20.70 -7.21
CA ALA A 48 -10.28 20.91 -5.84
C ALA A 48 -9.89 22.34 -5.42
N LYS A 49 -8.69 22.77 -5.73
CA LYS A 49 -8.26 24.11 -5.30
C LYS A 49 -9.11 25.16 -6.01
N LYS A 50 -9.40 24.95 -7.28
CA LYS A 50 -10.08 25.96 -8.12
C LYS A 50 -11.58 25.93 -7.81
N TYR A 51 -12.19 24.74 -7.71
CA TYR A 51 -13.66 24.59 -7.76
C TYR A 51 -14.26 24.22 -6.39
N GLY A 52 -13.45 23.94 -5.38
CA GLY A 52 -13.92 23.80 -3.99
C GLY A 52 -14.03 22.36 -3.52
N PRO A 53 -14.78 22.13 -2.41
CA PRO A 53 -14.76 20.83 -1.73
C PRO A 53 -15.58 19.71 -2.37
N VAL A 54 -16.37 20.01 -3.39
CA VAL A 54 -17.20 19.03 -4.12
C VAL A 54 -17.09 19.29 -5.60
N VAL A 55 -16.40 18.40 -6.33
CA VAL A 55 -16.12 18.66 -7.75
C VAL A 55 -16.45 17.44 -8.59
N ARG A 56 -17.08 17.64 -9.73
CA ARG A 56 -17.34 16.50 -10.65
C ARG A 56 -16.10 16.21 -11.50
N VAL A 57 -15.75 14.93 -11.56
CA VAL A 57 -14.60 14.40 -12.34
C VAL A 57 -15.07 13.16 -13.09
N ASN A 58 -14.26 12.73 -14.06
CA ASN A 58 -14.43 11.43 -14.73
C ASN A 58 -13.27 10.54 -14.29
N VAL A 59 -13.57 9.38 -13.74
CA VAL A 59 -12.49 8.47 -13.29
C VAL A 59 -12.94 7.02 -13.58
N PHE A 60 -12.04 6.26 -14.20
CA PHE A 60 -12.33 4.85 -14.60
C PHE A 60 -13.62 4.84 -15.42
N HIS A 61 -13.68 5.76 -16.38
CA HIS A 61 -14.80 6.16 -17.26
C HIS A 61 -16.16 6.14 -16.53
N LYS A 62 -16.24 6.63 -15.29
CA LYS A 62 -17.54 6.95 -14.65
C LYS A 62 -17.52 8.39 -14.11
N THR A 63 -18.65 9.08 -14.06
CA THR A 63 -18.70 10.38 -13.35
C THR A 63 -18.64 10.11 -11.86
N SER A 64 -17.78 10.82 -11.18
CA SER A 64 -17.54 10.74 -9.72
CA SER A 64 -17.62 10.74 -9.71
C SER A 64 -17.54 12.16 -9.15
N VAL A 65 -17.70 12.27 -7.85
CA VAL A 65 -17.61 13.57 -7.21
C VAL A 65 -16.48 13.49 -6.20
N ILE A 66 -15.47 14.34 -6.35
CA ILE A 66 -14.36 14.36 -5.36
C ILE A 66 -14.74 15.27 -4.20
N VAL A 67 -14.74 14.69 -3.03
CA VAL A 67 -15.16 15.38 -1.78
CA VAL A 67 -15.17 15.40 -1.78
C VAL A 67 -13.93 15.55 -0.90
N THR A 68 -13.53 16.79 -0.63
CA THR A 68 -12.26 17.10 0.04
C THR A 68 -12.47 17.93 1.30
N SER A 69 -13.66 18.09 1.84
CA SER A 69 -13.74 18.72 3.18
C SER A 69 -13.49 17.65 4.25
N PRO A 70 -12.86 17.99 5.40
CA PRO A 70 -12.73 17.03 6.49
C PRO A 70 -14.08 16.62 7.07
N GLU A 71 -15.05 17.53 7.06
CA GLU A 71 -16.44 17.19 7.51
C GLU A 71 -16.97 16.04 6.65
N SER A 72 -16.77 16.08 5.34
CA SER A 72 -17.21 14.96 4.47
C SER A 72 -16.40 13.69 4.74
N VAL A 73 -15.11 13.80 4.93
CA VAL A 73 -14.29 12.59 5.21
C VAL A 73 -14.84 11.90 6.45
N LYS A 74 -15.08 12.65 7.51
CA LYS A 74 -15.61 12.11 8.75
C LYS A 74 -16.98 11.49 8.50
N LYS A 75 -17.87 12.23 7.88
CA LYS A 75 -19.26 11.75 7.73
C LYS A 75 -19.31 10.40 6.97
N PHE A 76 -18.62 10.33 5.86
CA PHE A 76 -18.78 9.18 4.94
C PHE A 76 -17.83 8.04 5.30
N LEU A 77 -16.63 8.28 5.80
CA LEU A 77 -15.71 7.14 6.06
C LEU A 77 -15.95 6.57 7.47
N MET A 78 -16.44 7.33 8.45
CA MET A 78 -16.58 6.83 9.82
C MET A 78 -17.98 6.24 10.04
N SER A 79 -18.66 5.72 9.04
CA SER A 79 -20.03 5.22 9.19
C SER A 79 -20.21 3.93 8.40
N THR A 80 -20.77 2.89 9.02
CA THR A 80 -21.10 1.65 8.31
C THR A 80 -22.34 1.87 7.44
N LYS A 81 -22.99 3.03 7.51
CA LYS A 81 -24.10 3.38 6.61
C LYS A 81 -23.59 3.47 5.17
N TYR A 82 -22.36 3.90 4.94
CA TYR A 82 -21.79 4.13 3.61
C TYR A 82 -20.83 3.00 3.26
N ASN A 83 -21.18 2.33 2.18
CA ASN A 83 -20.40 1.19 1.66
C ASN A 83 -19.55 1.62 0.47
N LYS A 84 -18.56 0.82 0.16
CA LYS A 84 -17.76 1.06 -1.04
C LYS A 84 -18.63 0.90 -2.29
N ASP A 85 -18.29 1.64 -3.33
CA ASP A 85 -19.01 1.60 -4.60
C ASP A 85 -18.36 0.54 -5.47
N SER A 86 -19.05 -0.62 -5.63
CA SER A 86 -18.45 -1.80 -6.30
C SER A 86 -18.04 -1.49 -7.75
N LYS A 87 -18.71 -0.58 -8.44
CA LYS A 87 -18.33 -0.23 -9.83
C LYS A 87 -16.88 0.22 -9.85
N MET A 88 -16.39 0.84 -8.78
CA MET A 88 -15.07 1.47 -8.84
C MET A 88 -13.99 0.45 -8.46
N TYR A 89 -14.39 -0.79 -8.17
CA TYR A 89 -13.49 -1.91 -7.79
C TYR A 89 -13.49 -3.00 -8.87
N ARG A 90 -14.13 -2.79 -10.01
CA ARG A 90 -14.27 -3.86 -11.02
C ARG A 90 -12.89 -4.34 -11.45
N ALA A 91 -11.93 -3.44 -11.60
CA ALA A 91 -10.60 -3.77 -12.16
C ALA A 91 -9.78 -4.56 -11.14
N LEU A 92 -10.15 -4.60 -9.88
CA LEU A 92 -9.52 -5.56 -8.93
C LEU A 92 -10.24 -6.90 -8.96
N GLN A 93 -11.54 -6.90 -9.22
CA GLN A 93 -12.36 -8.14 -9.22
C GLN A 93 -11.93 -9.07 -10.37
N THR A 94 -11.92 -8.51 -11.56
CA THR A 94 -11.69 -9.25 -12.81
C THR A 94 -10.93 -8.33 -13.77
N VAL A 95 -9.95 -8.86 -14.47
CA VAL A 95 -9.26 -8.10 -15.55
C VAL A 95 -9.29 -8.90 -16.86
N PHE A 96 -9.77 -8.27 -17.92
CA PHE A 96 -9.82 -8.87 -19.27
C PHE A 96 -10.44 -10.28 -19.18
N GLY A 97 -11.46 -10.44 -18.35
CA GLY A 97 -12.27 -11.67 -18.28
C GLY A 97 -11.62 -12.71 -17.38
N GLU A 98 -10.54 -12.37 -16.68
CA GLU A 98 -9.86 -13.31 -15.74
C GLU A 98 -10.10 -12.84 -14.31
N ARG A 99 -10.69 -13.71 -13.49
CA ARG A 99 -10.91 -13.38 -12.06
C ARG A 99 -9.56 -13.13 -11.38
N LEU A 100 -9.46 -12.00 -10.68
CA LEU A 100 -8.19 -11.54 -10.04
C LEU A 100 -8.35 -11.60 -8.54
N PHE A 101 -8.82 -10.52 -7.91
CA PHE A 101 -9.10 -10.48 -6.44
C PHE A 101 -10.53 -10.95 -6.17
N GLY A 102 -11.37 -11.03 -7.21
CA GLY A 102 -12.76 -11.43 -7.07
C GLY A 102 -13.45 -10.72 -5.94
N GLN A 103 -14.02 -11.46 -4.98
CA GLN A 103 -14.79 -10.92 -3.84
C GLN A 103 -13.99 -11.09 -2.56
N GLY A 104 -12.67 -10.99 -2.64
CA GLY A 104 -11.80 -10.96 -1.45
C GLY A 104 -11.95 -9.68 -0.63
N LEU A 105 -11.11 -9.52 0.38
CA LEU A 105 -11.40 -8.53 1.45
C LEU A 105 -11.36 -7.08 0.94
N VAL A 106 -10.55 -6.73 -0.03
CA VAL A 106 -10.45 -5.35 -0.56
C VAL A 106 -11.62 -5.05 -1.48
N SER A 107 -12.03 -6.04 -2.27
CA SER A 107 -12.90 -5.79 -3.46
C SER A 107 -14.35 -6.17 -3.17
N GLU A 108 -14.63 -6.87 -2.05
CA GLU A 108 -15.99 -7.14 -1.58
C GLU A 108 -16.64 -5.85 -1.06
N CYS A 109 -17.75 -5.43 -1.65
CA CYS A 109 -18.42 -4.16 -1.28
C CYS A 109 -19.77 -4.42 -0.58
N ASN A 110 -20.25 -5.65 -0.47
CA ASN A 110 -21.40 -5.97 0.40
C ASN A 110 -20.96 -6.00 1.86
N TYR A 111 -21.57 -5.17 2.72
CA TYR A 111 -21.14 -5.07 4.14
C TYR A 111 -21.12 -6.46 4.83
N GLU A 112 -22.18 -7.24 4.74
CA GLU A 112 -22.27 -8.47 5.57
C GLU A 112 -21.21 -9.47 5.05
N ARG A 113 -21.02 -9.51 3.74
CA ARG A 113 -20.06 -10.46 3.11
C ARG A 113 -18.64 -10.05 3.49
N TRP A 114 -18.38 -8.75 3.49
CA TRP A 114 -17.09 -8.21 3.95
C TRP A 114 -16.91 -8.51 5.46
N HIS A 115 -17.91 -8.22 6.28
CA HIS A 115 -17.78 -8.26 7.76
C HIS A 115 -17.37 -9.66 8.23
N LYS A 116 -17.94 -10.69 7.57
CA LYS A 116 -17.75 -12.09 7.95
C LYS A 116 -16.27 -12.41 7.75
N GLN A 117 -15.71 -12.02 6.59
CA GLN A 117 -14.32 -12.40 6.31
C GLN A 117 -13.41 -11.53 7.17
N ARG A 118 -13.74 -10.26 7.36
CA ARG A 118 -12.87 -9.34 8.09
C ARG A 118 -12.64 -9.87 9.50
N ARG A 119 -13.71 -10.28 10.16
CA ARG A 119 -13.62 -10.69 11.59
C ARG A 119 -12.73 -11.93 11.72
N VAL A 120 -12.77 -12.85 10.76
CA VAL A 120 -11.96 -14.08 10.80
C VAL A 120 -10.50 -13.71 10.49
N ILE A 121 -10.26 -12.92 9.44
CA ILE A 121 -8.88 -12.62 9.00
C ILE A 121 -8.20 -11.69 10.03
N ASP A 122 -8.94 -10.86 10.74
CA ASP A 122 -8.41 -9.97 11.80
C ASP A 122 -7.57 -10.73 12.83
N LEU A 123 -7.88 -12.01 13.10
CA LEU A 123 -7.13 -12.80 14.10
C LEU A 123 -5.66 -12.88 13.70
N ALA A 124 -5.35 -12.88 12.41
CA ALA A 124 -3.94 -12.97 11.91
C ALA A 124 -3.20 -11.63 12.08
N PHE A 125 -3.88 -10.57 12.49
CA PHE A 125 -3.30 -9.21 12.62
C PHE A 125 -3.38 -8.73 14.06
N SER A 126 -3.65 -9.65 14.98
CA SER A 126 -3.63 -9.35 16.43
C SER A 126 -2.23 -8.88 16.82
N ARG A 127 -2.14 -8.18 17.94
CA ARG A 127 -0.83 -7.76 18.51
C ARG A 127 0.07 -9.00 18.66
N SER A 128 -0.39 -10.10 19.25
CA SER A 128 0.50 -11.29 19.44
C SER A 128 0.95 -11.84 18.09
N SER A 129 0.07 -11.88 17.10
CA SER A 129 0.39 -12.38 15.74
C SER A 129 1.53 -11.54 15.15
N LEU A 130 1.39 -10.22 15.20
CA LEU A 130 2.39 -9.35 14.58
C LEU A 130 3.72 -9.37 15.35
N VAL A 131 3.70 -9.48 16.66
CA VAL A 131 4.98 -9.56 17.41
C VAL A 131 5.74 -10.78 16.87
N SER A 132 5.09 -11.89 16.59
CA SER A 132 5.77 -13.13 16.16
C SER A 132 6.45 -12.91 14.79
N LEU A 133 6.06 -11.91 13.98
CA LEU A 133 6.66 -11.69 12.63
C LEU A 133 7.98 -10.90 12.66
N MET A 134 8.39 -10.36 13.81
CA MET A 134 9.64 -9.57 13.87
C MET A 134 10.83 -10.39 13.36
N GLU A 135 10.89 -11.69 13.63
CA GLU A 135 12.03 -12.50 13.15
C GLU A 135 12.07 -12.50 11.61
N THR A 136 10.93 -12.63 10.95
CA THR A 136 10.87 -12.59 9.47
C THR A 136 11.29 -11.20 8.99
N PHE A 137 10.75 -10.16 9.60
CA PHE A 137 11.07 -8.77 9.18
C PHE A 137 12.58 -8.55 9.28
N ASN A 138 13.16 -8.91 10.42
CA ASN A 138 14.63 -8.75 10.69
C ASN A 138 15.45 -9.58 9.70
N GLU A 139 15.06 -10.82 9.44
CA GLU A 139 15.94 -11.67 8.58
C GLU A 139 15.94 -11.18 7.14
N LYS A 140 14.78 -10.77 6.62
CA LYS A 140 14.75 -10.27 5.24
C LYS A 140 15.41 -8.90 5.13
N ALA A 141 15.23 -8.01 6.12
CA ALA A 141 15.90 -6.71 6.13
C ALA A 141 17.41 -6.92 6.19
N GLU A 142 17.89 -7.85 7.02
CA GLU A 142 19.33 -8.14 7.13
C GLU A 142 19.84 -8.69 5.81
N GLN A 143 19.08 -9.54 5.15
CA GLN A 143 19.51 -10.09 3.83
C GLN A 143 19.66 -8.94 2.82
N LEU A 144 18.67 -8.06 2.75
CA LEU A 144 18.77 -6.91 1.84
C LEU A 144 20.01 -6.09 2.14
N VAL A 145 20.23 -5.71 3.40
CA VAL A 145 21.37 -4.82 3.73
C VAL A 145 22.68 -5.51 3.36
N GLU A 146 22.82 -6.81 3.53
CA GLU A 146 24.09 -7.53 3.17
C GLU A 146 24.29 -7.48 1.67
N ILE A 147 23.22 -7.66 0.90
CA ILE A 147 23.30 -7.59 -0.59
C ILE A 147 23.72 -6.19 -1.00
N LEU A 148 23.15 -5.18 -0.40
CA LEU A 148 23.44 -3.76 -0.74
C LEU A 148 24.86 -3.39 -0.28
N GLU A 149 25.33 -3.87 0.86
CA GLU A 149 26.67 -3.50 1.40
C GLU A 149 27.73 -4.00 0.41
N ALA A 150 27.52 -5.15 -0.24
CA ALA A 150 28.50 -5.70 -1.19
C ALA A 150 28.58 -4.85 -2.46
N LYS A 151 27.60 -3.97 -2.69
CA LYS A 151 27.59 -3.06 -3.85
C LYS A 151 27.93 -1.62 -3.46
N ALA A 152 28.35 -1.37 -2.21
CA ALA A 152 28.43 -0.01 -1.65
C ALA A 152 29.82 0.61 -1.98
N ASP A 153 30.09 0.74 -3.28
CA ASP A 153 31.37 1.24 -3.82
C ASP A 153 31.25 2.69 -4.34
N GLY A 154 30.15 3.36 -4.09
CA GLY A 154 29.93 4.73 -4.52
C GLY A 154 29.84 4.86 -6.01
N GLN A 155 29.64 3.79 -6.79
CA GLN A 155 29.73 3.91 -8.25
C GLN A 155 28.69 2.99 -8.91
N THR A 156 28.46 1.79 -8.38
CA THR A 156 27.53 0.79 -8.99
C THR A 156 26.10 1.30 -8.79
N PRO A 157 25.33 1.55 -9.85
CA PRO A 157 23.94 2.00 -9.67
C PRO A 157 23.09 0.85 -9.20
N VAL A 158 22.28 1.08 -8.17
CA VAL A 158 21.36 0.06 -7.64
C VAL A 158 19.93 0.59 -7.73
N SER A 159 19.00 -0.19 -8.29
CA SER A 159 17.56 0.20 -8.30
C SER A 159 16.96 -0.07 -6.93
N MET A 160 16.79 0.95 -6.10
CA MET A 160 16.22 0.72 -4.78
C MET A 160 14.74 0.36 -4.96
N GLN A 161 14.05 0.84 -6.00
CA GLN A 161 12.65 0.38 -6.22
C GLN A 161 12.65 -1.14 -6.36
N ASP A 162 13.52 -1.70 -7.20
CA ASP A 162 13.53 -3.17 -7.44
C ASP A 162 13.89 -3.88 -6.15
N MET A 163 14.95 -3.43 -5.49
CA MET A 163 15.46 -4.18 -4.33
C MET A 163 14.43 -4.13 -3.18
N LEU A 164 13.75 -3.02 -2.99
CA LEU A 164 12.74 -2.92 -1.90
C LEU A 164 11.51 -3.76 -2.28
N THR A 165 11.17 -3.89 -3.55
CA THR A 165 10.02 -4.73 -3.94
C THR A 165 10.35 -6.20 -3.66
N TYR A 166 11.58 -6.64 -4.00
CA TYR A 166 11.99 -8.04 -3.76
C TYR A 166 11.92 -8.33 -2.26
N THR A 167 12.38 -7.39 -1.45
CA THR A 167 12.40 -7.52 0.01
C THR A 167 10.96 -7.63 0.52
N ALA A 168 10.11 -6.71 0.10
CA ALA A 168 8.68 -6.73 0.51
C ALA A 168 8.03 -8.07 0.10
N MET A 169 8.27 -8.55 -1.12
CA MET A 169 7.64 -9.80 -1.58
C MET A 169 8.16 -10.94 -0.70
N ASP A 170 9.47 -11.01 -0.48
CA ASP A 170 10.05 -12.09 0.35
C ASP A 170 9.47 -12.05 1.75
N ILE A 171 9.39 -10.89 2.36
CA ILE A 171 8.74 -10.76 3.70
C ILE A 171 7.30 -11.28 3.62
N LEU A 172 6.49 -10.78 2.69
CA LEU A 172 5.06 -11.18 2.67
C LEU A 172 4.92 -12.72 2.50
N ALA A 173 5.61 -13.29 1.53
CA ALA A 173 5.46 -14.71 1.18
C ALA A 173 5.77 -15.57 2.41
N LYS A 174 6.80 -15.17 3.17
CA LYS A 174 7.20 -15.95 4.38
C LYS A 174 6.21 -15.69 5.51
N ALA A 175 5.95 -14.44 5.83
CA ALA A 175 5.08 -14.01 6.95
C ALA A 175 3.64 -14.50 6.75
N ALA A 176 3.06 -14.32 5.57
CA ALA A 176 1.63 -14.64 5.33
C ALA A 176 1.41 -16.14 5.03
N PHE A 177 2.33 -16.77 4.29
CA PHE A 177 2.08 -18.08 3.63
C PHE A 177 3.08 -19.16 4.08
N GLY A 178 4.13 -18.83 4.83
CA GLY A 178 5.23 -19.76 5.14
C GLY A 178 6.01 -20.20 3.91
N MET A 179 6.09 -19.36 2.89
CA MET A 179 6.67 -19.62 1.56
CA MET A 179 6.78 -19.77 1.65
C MET A 179 7.99 -18.84 1.44
N GLU A 180 9.05 -19.44 0.92
CA GLU A 180 10.31 -18.70 0.60
C GLU A 180 10.34 -18.39 -0.88
N THR A 181 10.06 -17.15 -1.30
CA THR A 181 10.10 -16.75 -2.72
C THR A 181 11.56 -16.57 -3.15
N SER A 182 12.44 -16.11 -2.25
CA SER A 182 13.86 -15.76 -2.51
C SER A 182 14.05 -14.88 -3.74
N MET A 183 13.20 -13.87 -3.92
CA MET A 183 13.45 -12.88 -4.98
C MET A 183 14.74 -12.10 -4.70
N LEU A 184 15.16 -11.97 -3.45
CA LEU A 184 16.44 -11.29 -3.12
C LEU A 184 17.63 -12.13 -3.61
N LEU A 185 17.45 -13.43 -3.87
CA LEU A 185 18.53 -14.26 -4.45
C LEU A 185 18.40 -14.32 -5.98
N GLY A 186 17.45 -13.62 -6.59
CA GLY A 186 17.19 -13.73 -8.04
C GLY A 186 16.28 -14.89 -8.44
N ALA A 187 15.60 -15.57 -7.49
CA ALA A 187 14.64 -16.67 -7.76
C ALA A 187 13.25 -16.12 -8.15
N GLN A 188 12.41 -17.00 -8.66
CA GLN A 188 10.97 -16.77 -8.99
C GLN A 188 10.84 -15.62 -10.01
N LYS A 189 11.70 -15.54 -11.05
CA LYS A 189 11.53 -14.52 -12.12
C LYS A 189 10.16 -14.65 -12.80
N PRO A 190 9.62 -15.85 -13.14
CA PRO A 190 8.33 -15.89 -13.80
C PRO A 190 7.25 -15.27 -12.88
N LEU A 191 7.35 -15.53 -11.58
CA LEU A 191 6.39 -14.94 -10.59
C LEU A 191 6.54 -13.41 -10.58
N SER A 192 7.75 -12.90 -10.57
CA SER A 192 7.98 -11.44 -10.58
C SER A 192 7.38 -10.82 -11.85
N GLN A 193 7.52 -11.52 -12.99
CA GLN A 193 7.01 -11.02 -14.27
C GLN A 193 5.47 -11.04 -14.22
N ALA A 194 4.90 -12.08 -13.62
CA ALA A 194 3.44 -12.24 -13.60
C ALA A 194 2.86 -11.07 -12.78
N VAL A 195 3.48 -10.75 -11.65
CA VAL A 195 2.99 -9.66 -10.79
C VAL A 195 3.05 -8.36 -11.58
N LYS A 196 4.17 -8.10 -12.25
CA LYS A 196 4.30 -6.86 -13.08
C LYS A 196 3.21 -6.77 -14.14
N LEU A 197 2.95 -7.84 -14.87
CA LEU A 197 1.96 -7.73 -15.96
C LEU A 197 0.55 -7.63 -15.38
N MET A 198 0.29 -8.25 -14.24
CA MET A 198 -1.04 -8.13 -13.60
C MET A 198 -1.28 -6.68 -13.20
N LEU A 199 -0.28 -6.01 -12.63
CA LEU A 199 -0.41 -4.60 -12.21
C LEU A 199 -0.64 -3.74 -13.47
N GLU A 200 0.08 -4.00 -14.56
CA GLU A 200 -0.18 -3.31 -15.85
C GLU A 200 -1.62 -3.57 -16.33
N GLY A 201 -2.16 -4.75 -16.08
CA GLY A 201 -3.52 -5.09 -16.54
C GLY A 201 -4.56 -4.28 -15.78
N ILE A 202 -4.38 -4.18 -14.46
CA ILE A 202 -5.29 -3.36 -13.61
C ILE A 202 -5.30 -1.95 -14.20
N THR A 203 -4.11 -1.44 -14.46
CA THR A 203 -3.87 -0.06 -14.94
C THR A 203 -4.58 0.13 -16.28
N ALA A 204 -4.34 -0.76 -17.22
CA ALA A 204 -4.94 -0.66 -18.57
C ALA A 204 -6.47 -0.76 -18.48
N SER A 205 -7.03 -1.63 -17.62
CA SER A 205 -8.48 -1.86 -17.49
C SER A 205 -9.17 -0.53 -17.12
N ARG A 206 -8.58 0.19 -16.15
CA ARG A 206 -9.25 1.37 -15.55
C ARG A 206 -8.51 2.62 -15.99
N LYS A 216 -2.14 -4.90 -28.19
CA LYS A 216 -3.54 -5.33 -27.91
C LYS A 216 -3.50 -6.84 -27.70
N ARG A 217 -3.31 -7.60 -28.78
CA ARG A 217 -3.36 -9.08 -28.77
C ARG A 217 -2.34 -9.67 -27.76
N LYS A 218 -1.08 -9.27 -27.83
CA LYS A 218 0.02 -9.83 -27.00
C LYS A 218 -0.15 -9.40 -25.52
N GLN A 219 -0.55 -8.16 -25.30
CA GLN A 219 -0.69 -7.59 -23.94
C GLN A 219 -1.88 -8.31 -23.29
N LEU A 220 -2.96 -8.55 -24.05
CA LEU A 220 -4.14 -9.29 -23.51
C LEU A 220 -3.67 -10.68 -23.07
N ARG A 221 -2.95 -11.37 -23.98
CA ARG A 221 -2.50 -12.75 -23.70
C ARG A 221 -1.58 -12.78 -22.49
N GLU A 222 -0.64 -11.84 -22.41
CA GLU A 222 0.35 -11.78 -21.30
C GLU A 222 -0.38 -11.44 -19.99
N VAL A 223 -1.34 -10.53 -20.01
CA VAL A 223 -2.04 -10.15 -18.76
C VAL A 223 -2.89 -11.33 -18.28
N ARG A 224 -3.71 -11.91 -19.16
CA ARG A 224 -4.60 -13.03 -18.78
C ARG A 224 -3.77 -14.20 -18.24
N GLU A 225 -2.66 -14.57 -18.89
CA GLU A 225 -1.87 -15.73 -18.42
C GLU A 225 -1.21 -15.41 -17.06
N SER A 226 -0.85 -14.16 -16.80
CA SER A 226 -0.22 -13.75 -15.53
C SER A 226 -1.24 -13.90 -14.40
N ILE A 227 -2.49 -13.48 -14.64
CA ILE A 227 -3.54 -13.61 -13.59
C ILE A 227 -3.78 -15.09 -13.30
N ARG A 228 -3.95 -15.92 -14.34
CA ARG A 228 -4.13 -17.38 -14.14
C ARG A 228 -2.92 -17.94 -13.39
N PHE A 229 -1.69 -17.49 -13.70
CA PHE A 229 -0.47 -17.98 -13.00
C PHE A 229 -0.54 -17.66 -11.49
N LEU A 230 -0.97 -16.46 -11.12
CA LEU A 230 -1.02 -16.04 -9.68
C LEU A 230 -2.05 -16.93 -8.96
N ARG A 231 -3.20 -17.20 -9.60
CA ARG A 231 -4.23 -18.04 -8.94
C ARG A 231 -3.72 -19.47 -8.83
N GLN A 232 -2.97 -19.96 -9.82
CA GLN A 232 -2.38 -21.32 -9.79
C GLN A 232 -1.31 -21.42 -8.71
N VAL A 233 -0.57 -20.34 -8.45
CA VAL A 233 0.35 -20.29 -7.29
C VAL A 233 -0.46 -20.53 -6.02
N GLY A 234 -1.61 -19.85 -5.87
CA GLY A 234 -2.51 -20.04 -4.72
C GLY A 234 -2.94 -21.50 -4.61
N ARG A 235 -3.42 -22.08 -5.70
CA ARG A 235 -3.91 -23.48 -5.69
C ARG A 235 -2.77 -24.39 -5.23
N ASP A 236 -1.57 -24.20 -5.77
CA ASP A 236 -0.41 -25.09 -5.46
C ASP A 236 -0.07 -24.94 -3.97
N TRP A 237 -0.02 -23.72 -3.47
CA TRP A 237 0.41 -23.47 -2.07
CA TRP A 237 0.43 -23.44 -2.07
C TRP A 237 -0.67 -23.92 -1.09
N VAL A 238 -1.94 -23.73 -1.42
CA VAL A 238 -3.04 -24.22 -0.55
C VAL A 238 -3.00 -25.76 -0.49
N GLN A 239 -2.74 -26.43 -1.62
CA GLN A 239 -2.65 -27.92 -1.61
C GLN A 239 -1.48 -28.33 -0.71
N ARG A 240 -0.33 -27.65 -0.81
CA ARG A 240 0.87 -27.92 0.04
C ARG A 240 0.51 -27.78 1.54
N ARG A 241 -0.20 -26.72 1.89
CA ARG A 241 -0.61 -26.43 3.30
C ARG A 241 -1.54 -27.56 3.77
N ARG A 242 -2.49 -27.93 2.92
CA ARG A 242 -3.48 -29.01 3.27
C ARG A 242 -2.74 -30.34 3.48
N GLU A 243 -1.78 -30.67 2.61
CA GLU A 243 -1.01 -31.94 2.71
C GLU A 243 -0.12 -31.91 3.97
N ALA A 244 0.49 -30.77 4.27
CA ALA A 244 1.27 -30.59 5.53
C ALA A 244 0.35 -30.87 6.73
N LEU A 245 -0.86 -30.31 6.74
CA LEU A 245 -1.81 -30.41 7.89
C LEU A 245 -2.22 -31.88 8.06
N LYS A 246 -2.42 -32.58 6.94
CA LYS A 246 -2.82 -34.02 6.90
C LYS A 246 -1.70 -34.92 7.46
N ARG A 247 -0.44 -34.66 7.07
CA ARG A 247 0.74 -35.43 7.52
C ARG A 247 1.10 -35.05 8.96
N GLY A 248 0.37 -34.14 9.56
CA GLY A 248 0.59 -33.62 10.93
C GLY A 248 1.92 -32.93 11.09
N GLU A 249 2.37 -32.24 10.04
CA GLU A 249 3.58 -31.41 10.09
C GLU A 249 3.24 -30.16 10.88
N GLU A 250 4.24 -29.49 11.41
CA GLU A 250 3.97 -28.26 12.17
C GLU A 250 3.77 -27.11 11.19
N VAL A 251 2.66 -26.37 11.33
CA VAL A 251 2.34 -25.20 10.47
C VAL A 251 2.03 -24.03 11.41
N PRO A 252 2.92 -23.03 11.59
CA PRO A 252 2.56 -21.86 12.39
C PRO A 252 1.35 -21.13 11.79
N ALA A 253 0.43 -20.70 12.64
CA ALA A 253 -0.79 -19.94 12.26
C ALA A 253 -0.31 -18.64 11.58
N ASP A 254 -0.84 -18.39 10.40
CA ASP A 254 -0.45 -17.19 9.63
C ASP A 254 -1.72 -16.65 8.98
N ILE A 255 -1.57 -15.65 8.13
CA ILE A 255 -2.73 -15.14 7.36
C ILE A 255 -3.42 -16.28 6.59
N LEU A 256 -2.64 -17.20 6.02
CA LEU A 256 -3.26 -18.26 5.19
C LEU A 256 -4.16 -19.13 6.07
N THR A 257 -3.78 -19.35 7.32
CA THR A 257 -4.62 -20.11 8.26
C THR A 257 -6.02 -19.47 8.30
N GLN A 258 -6.07 -18.14 8.45
CA GLN A 258 -7.33 -17.44 8.67
C GLN A 258 -8.11 -17.37 7.33
N ILE A 259 -7.42 -17.19 6.22
CA ILE A 259 -8.03 -17.23 4.85
C ILE A 259 -8.75 -18.58 4.69
N LEU A 260 -8.08 -19.68 5.05
CA LEU A 260 -8.69 -21.04 5.00
C LEU A 260 -9.89 -21.08 5.95
N LYS A 261 -9.73 -20.55 7.17
CA LYS A 261 -10.81 -20.62 8.20
C LYS A 261 -12.06 -19.90 7.66
N ALA A 262 -11.88 -18.78 6.95
CA ALA A 262 -13.00 -17.95 6.43
C ALA A 262 -13.79 -18.77 5.43
N GLU A 263 -13.16 -19.76 4.78
CA GLU A 263 -13.83 -20.55 3.71
C GLU A 263 -14.30 -21.92 4.23
N GLU A 264 -14.21 -22.20 5.54
CA GLU A 264 -14.61 -23.52 6.13
C GLU A 264 -16.04 -23.80 5.66
N GLY A 265 -16.25 -24.87 4.87
CA GLY A 265 -17.59 -25.26 4.38
C GLY A 265 -18.03 -24.47 3.15
N ALA A 266 -17.13 -23.79 2.45
CA ALA A 266 -17.42 -23.15 1.13
C ALA A 266 -17.76 -24.23 0.10
N GLN A 267 -18.47 -23.85 -0.96
CA GLN A 267 -18.91 -24.74 -2.05
C GLN A 267 -17.71 -25.05 -2.96
N ASP A 268 -16.68 -24.20 -2.96
CA ASP A 268 -15.54 -24.31 -3.89
C ASP A 268 -14.39 -23.44 -3.34
N ASP A 269 -13.25 -23.45 -4.01
CA ASP A 269 -12.03 -22.79 -3.49
C ASP A 269 -11.93 -21.38 -4.07
N GLU A 270 -12.97 -20.86 -4.73
CA GLU A 270 -12.75 -19.61 -5.50
C GLU A 270 -12.65 -18.43 -4.52
N GLY A 271 -13.38 -18.46 -3.41
CA GLY A 271 -13.22 -17.45 -2.35
C GLY A 271 -11.82 -17.51 -1.74
N LEU A 272 -11.33 -18.72 -1.53
CA LEU A 272 -10.00 -18.95 -0.90
C LEU A 272 -8.95 -18.31 -1.82
N LEU A 273 -9.05 -18.54 -3.12
CA LEU A 273 -8.01 -18.07 -4.05
C LEU A 273 -8.12 -16.55 -4.23
N ASP A 274 -9.34 -16.00 -4.20
CA ASP A 274 -9.55 -14.53 -4.21
C ASP A 274 -8.73 -13.91 -3.08
N ASN A 275 -8.82 -14.47 -1.87
CA ASN A 275 -8.08 -13.84 -0.74
C ASN A 275 -6.59 -14.22 -0.81
N PHE A 276 -6.27 -15.39 -1.35
CA PHE A 276 -4.83 -15.72 -1.50
C PHE A 276 -4.18 -14.63 -2.34
N VAL A 277 -4.73 -14.37 -3.52
CA VAL A 277 -4.16 -13.39 -4.48
C VAL A 277 -4.23 -11.97 -3.89
N THR A 278 -5.35 -11.62 -3.26
CA THR A 278 -5.52 -10.30 -2.62
C THR A 278 -4.32 -10.09 -1.71
N PHE A 279 -4.07 -11.00 -0.80
CA PHE A 279 -3.04 -10.78 0.25
C PHE A 279 -1.63 -10.93 -0.34
N PHE A 280 -1.45 -11.81 -1.34
CA PHE A 280 -0.14 -11.99 -2.03
C PHE A 280 0.30 -10.67 -2.64
N ILE A 281 -0.63 -9.95 -3.26
CA ILE A 281 -0.34 -8.69 -3.95
C ILE A 281 -0.38 -7.54 -2.93
N ALA A 282 -1.52 -7.41 -2.23
CA ALA A 282 -1.67 -6.24 -1.33
C ALA A 282 -0.58 -6.22 -0.27
N GLY A 283 -0.16 -7.38 0.19
CA GLY A 283 0.77 -7.47 1.34
C GLY A 283 2.20 -7.11 1.01
N HIS A 284 2.51 -6.84 -0.26
CA HIS A 284 3.88 -6.38 -0.61
C HIS A 284 3.88 -5.09 -1.43
N GLU A 285 2.88 -4.82 -2.27
CA GLU A 285 3.11 -3.75 -3.30
C GLU A 285 3.14 -2.33 -2.68
N THR A 286 2.18 -2.01 -1.84
CA THR A 286 2.13 -0.67 -1.21
C THR A 286 3.32 -0.53 -0.27
N SER A 287 3.66 -1.58 0.47
CA SER A 287 4.85 -1.49 1.38
C SER A 287 6.10 -1.13 0.55
N ALA A 288 6.28 -1.82 -0.59
CA ALA A 288 7.39 -1.54 -1.48
C ALA A 288 7.35 -0.09 -1.98
N ASN A 289 6.19 0.38 -2.41
CA ASN A 289 5.99 1.74 -2.92
C ASN A 289 6.40 2.76 -1.84
N HIS A 290 5.89 2.56 -0.63
CA HIS A 290 6.16 3.44 0.53
C HIS A 290 7.66 3.45 0.89
N LEU A 291 8.32 2.30 0.89
CA LEU A 291 9.79 2.25 1.07
C LEU A 291 10.50 3.05 -0.04
N ALA A 292 10.16 2.82 -1.29
CA ALA A 292 10.81 3.45 -2.45
C ALA A 292 10.65 4.99 -2.39
N PHE A 293 9.44 5.43 -2.12
CA PHE A 293 9.19 6.89 -2.00
C PHE A 293 10.06 7.49 -0.89
N THR A 294 10.14 6.80 0.25
CA THR A 294 10.85 7.30 1.45
C THR A 294 12.35 7.39 1.12
N VAL A 295 12.92 6.36 0.50
CA VAL A 295 14.36 6.40 0.09
C VAL A 295 14.58 7.52 -0.94
N MET A 296 13.68 7.63 -1.89
CA MET A 296 13.78 8.67 -2.92
C MET A 296 13.82 10.05 -2.23
N GLU A 297 12.82 10.33 -1.41
CA GLU A 297 12.72 11.69 -0.84
C GLU A 297 13.92 11.97 0.07
N LEU A 298 14.27 10.99 0.91
CA LEU A 298 15.39 11.18 1.84
C LEU A 298 16.72 11.46 1.13
N SER A 299 16.87 11.01 -0.13
CA SER A 299 18.12 11.26 -0.90
C SER A 299 18.38 12.79 -1.03
N ARG A 300 17.33 13.64 -0.93
CA ARG A 300 17.52 15.11 -1.01
C ARG A 300 17.26 15.77 0.36
N GLN A 301 17.34 15.00 1.45
CA GLN A 301 17.11 15.53 2.84
C GLN A 301 18.26 15.14 3.74
N PRO A 302 19.48 15.61 3.46
CA PRO A 302 20.67 15.16 4.20
C PRO A 302 20.58 15.43 5.71
N GLU A 303 20.00 16.55 6.12
CA GLU A 303 19.88 16.87 7.54
C GLU A 303 18.91 15.90 8.22
N ILE A 304 17.78 15.63 7.60
CA ILE A 304 16.83 14.64 8.19
C ILE A 304 17.49 13.24 8.23
N VAL A 305 18.22 12.88 7.21
CA VAL A 305 18.93 11.57 7.25
C VAL A 305 19.95 11.55 8.38
N ALA A 306 20.73 12.61 8.59
CA ALA A 306 21.69 12.65 9.73
C ALA A 306 20.98 12.43 11.07
N ARG A 307 19.78 13.02 11.25
CA ARG A 307 18.94 12.83 12.43
C ARG A 307 18.45 11.39 12.57
N LEU A 308 18.02 10.75 11.49
CA LEU A 308 17.55 9.37 11.50
C LEU A 308 18.73 8.46 11.82
N GLN A 309 19.88 8.70 11.19
CA GLN A 309 21.10 7.87 11.47
C GLN A 309 21.43 7.95 12.95
N ALA A 310 21.41 9.17 13.52
CA ALA A 310 21.70 9.37 14.93
C ALA A 310 20.70 8.61 15.80
N GLU A 311 19.40 8.63 15.47
CA GLU A 311 18.37 8.01 16.30
C GLU A 311 18.58 6.48 16.29
N VAL A 312 18.81 5.88 15.12
CA VAL A 312 19.05 4.42 15.06
C VAL A 312 20.33 4.10 15.84
N ASP A 313 21.39 4.88 15.71
CA ASP A 313 22.64 4.68 16.49
C ASP A 313 22.32 4.67 18.02
N GLU A 314 21.50 5.60 18.47
CA GLU A 314 21.19 5.75 19.91
C GLU A 314 20.25 4.64 20.39
N VAL A 315 19.31 4.20 19.56
CA VAL A 315 18.24 3.28 20.01
C VAL A 315 18.72 1.83 19.86
N ILE A 316 19.29 1.44 18.72
CA ILE A 316 19.60 0.00 18.51
C ILE A 316 21.11 -0.25 18.59
N GLY A 317 21.96 0.79 18.47
CA GLY A 317 23.42 0.64 18.57
C GLY A 317 23.96 -0.21 17.44
N SER A 318 24.70 -1.26 17.82
CA SER A 318 25.36 -2.24 16.92
C SER A 318 24.46 -3.47 16.66
N LYS A 319 23.59 -3.84 17.62
CA LYS A 319 22.54 -4.89 17.46
C LYS A 319 22.17 -5.07 15.99
N ARG A 320 22.21 -6.30 15.52
CA ARG A 320 21.79 -6.69 14.15
C ARG A 320 20.27 -6.63 14.10
N TYR A 321 19.64 -7.03 15.19
CA TYR A 321 18.20 -7.38 15.31
C TYR A 321 17.45 -6.28 16.08
N LEU A 322 16.33 -5.81 15.53
CA LEU A 322 15.39 -4.91 16.24
C LEU A 322 14.35 -5.75 16.97
N ASP A 323 14.18 -5.48 18.26
CA ASP A 323 13.11 -6.06 19.09
C ASP A 323 11.87 -5.22 18.85
N PHE A 324 10.72 -5.78 19.16
CA PHE A 324 9.42 -5.08 18.98
C PHE A 324 9.43 -3.77 19.80
N GLU A 325 10.00 -3.77 21.00
CA GLU A 325 9.97 -2.58 21.90
C GLU A 325 10.87 -1.49 21.32
N ASP A 326 11.85 -1.85 20.47
CA ASP A 326 12.72 -0.83 19.83
C ASP A 326 11.92 -0.01 18.82
N LEU A 327 10.88 -0.59 18.20
CA LEU A 327 10.10 0.08 17.14
C LEU A 327 9.48 1.37 17.67
N GLY A 328 8.85 1.31 18.82
CA GLY A 328 8.21 2.47 19.47
C GLY A 328 9.24 3.51 19.85
N ARG A 329 10.50 3.12 20.03
CA ARG A 329 11.54 4.10 20.38
C ARG A 329 12.06 4.88 19.16
N LEU A 330 11.81 4.42 17.94
CA LEU A 330 12.27 5.13 16.72
C LEU A 330 11.25 6.20 16.35
N GLN A 331 11.07 7.16 17.26
CA GLN A 331 10.00 8.18 17.17
C GLN A 331 10.22 9.11 15.97
N TYR A 332 11.45 9.56 15.75
CA TYR A 332 11.67 10.45 14.58
C TYR A 332 11.46 9.69 13.26
N LEU A 333 11.90 8.45 13.19
CA LEU A 333 11.63 7.63 11.99
C LEU A 333 10.14 7.47 11.78
N SER A 334 9.35 7.27 12.84
CA SER A 334 7.87 7.18 12.72
CA SER A 334 7.87 7.15 12.67
CA SER A 334 7.85 7.19 12.73
C SER A 334 7.32 8.45 12.06
N GLN A 335 7.81 9.59 12.49
CA GLN A 335 7.37 10.90 11.95
C GLN A 335 7.77 11.04 10.50
N VAL A 336 8.98 10.62 10.14
CA VAL A 336 9.43 10.71 8.74
C VAL A 336 8.53 9.83 7.86
N LEU A 337 8.21 8.64 8.32
CA LEU A 337 7.36 7.73 7.52
C LEU A 337 5.93 8.28 7.39
N LYS A 338 5.40 8.91 8.45
CA LYS A 338 4.08 9.57 8.32
C LYS A 338 4.15 10.71 7.30
N GLU A 339 5.20 11.51 7.31
CA GLU A 339 5.32 12.67 6.37
C GLU A 339 5.50 12.12 4.94
N SER A 340 6.19 10.99 4.78
CA SER A 340 6.35 10.34 3.47
C SER A 340 4.97 9.93 2.93
N LEU A 341 4.10 9.40 3.77
CA LEU A 341 2.72 9.00 3.34
C LEU A 341 1.83 10.21 3.09
N ARG A 342 2.09 11.37 3.70
CA ARG A 342 1.29 12.56 3.43
C ARG A 342 1.51 13.02 1.98
N LEU A 343 2.75 13.08 1.52
CA LEU A 343 3.10 13.54 0.15
C LEU A 343 2.99 12.40 -0.86
N TYR A 344 3.28 11.17 -0.44
CA TYR A 344 3.45 10.02 -1.36
C TYR A 344 2.60 8.84 -0.89
N PRO A 345 1.27 8.96 -0.80
CA PRO A 345 0.44 7.84 -0.37
C PRO A 345 0.38 6.84 -1.53
N PRO A 346 0.84 5.57 -1.40
CA PRO A 346 0.67 4.64 -2.53
C PRO A 346 -0.80 4.41 -2.90
N ALA A 347 -1.67 4.38 -1.89
CA ALA A 347 -3.12 4.20 -2.09
C ALA A 347 -3.74 5.56 -1.87
N TRP A 348 -4.09 6.24 -2.93
CA TRP A 348 -4.41 7.68 -2.80
C TRP A 348 -5.78 7.89 -2.09
N GLY A 349 -6.61 6.87 -2.03
CA GLY A 349 -7.93 7.07 -1.42
C GLY A 349 -8.89 5.92 -1.63
N THR A 350 -10.18 6.26 -1.72
CA THR A 350 -11.25 5.26 -1.69
C THR A 350 -12.50 5.90 -2.29
N PHE A 351 -13.50 5.07 -2.50
CA PHE A 351 -14.83 5.53 -2.96
C PHE A 351 -15.89 5.01 -2.01
N ARG A 352 -16.90 5.80 -1.81
CA ARG A 352 -18.16 5.34 -1.16
C ARG A 352 -19.31 5.61 -2.12
N LEU A 353 -20.31 4.73 -2.07
CA LEU A 353 -21.55 4.95 -2.82
C LEU A 353 -22.50 5.83 -2.02
N LEU A 354 -22.87 6.95 -2.58
CA LEU A 354 -23.96 7.80 -2.05
C LEU A 354 -25.26 7.25 -2.61
N GLU A 355 -26.10 6.69 -1.77
CA GLU A 355 -27.34 6.07 -2.31
C GLU A 355 -28.43 7.11 -2.53
N GLU A 356 -28.62 8.10 -1.64
CA GLU A 356 -29.73 9.08 -1.71
C GLU A 356 -29.17 10.48 -2.01
N GLU A 357 -29.95 11.28 -2.71
CA GLU A 357 -29.52 12.68 -2.97
C GLU A 357 -29.19 13.31 -1.61
N THR A 358 -28.09 14.04 -1.53
CA THR A 358 -27.54 14.58 -0.27
C THR A 358 -26.91 15.93 -0.58
N LEU A 359 -27.04 16.85 0.36
CA LEU A 359 -26.34 18.14 0.26
C LEU A 359 -24.96 17.91 0.88
N ILE A 360 -23.88 18.14 0.15
CA ILE A 360 -22.50 17.98 0.64
C ILE A 360 -21.80 19.34 0.48
N ASP A 361 -21.50 20.02 1.60
CA ASP A 361 -20.83 21.34 1.56
C ASP A 361 -21.56 22.26 0.57
N GLY A 362 -22.89 22.34 0.62
CA GLY A 362 -23.62 23.36 -0.14
C GLY A 362 -23.87 22.89 -1.57
N VAL A 363 -23.54 21.64 -1.87
CA VAL A 363 -23.69 21.12 -3.25
C VAL A 363 -24.72 20.00 -3.24
N ARG A 364 -25.69 20.06 -4.14
CA ARG A 364 -26.68 18.97 -4.28
C ARG A 364 -26.03 17.80 -5.02
N VAL A 365 -25.85 16.65 -4.40
CA VAL A 365 -25.23 15.48 -5.08
C VAL A 365 -26.31 14.41 -5.29
N PRO A 366 -26.61 14.04 -6.56
CA PRO A 366 -27.63 13.04 -6.85
C PRO A 366 -27.37 11.68 -6.16
N GLY A 367 -28.45 10.94 -5.94
CA GLY A 367 -28.32 9.55 -5.48
C GLY A 367 -27.61 8.68 -6.50
N ASN A 368 -27.00 7.62 -6.00
CA ASN A 368 -26.25 6.63 -6.79
C ASN A 368 -25.12 7.38 -7.49
N THR A 369 -24.22 7.92 -6.68
CA THR A 369 -23.03 8.61 -7.17
C THR A 369 -21.83 8.06 -6.42
N PRO A 370 -20.72 7.75 -7.10
CA PRO A 370 -19.46 7.44 -6.41
C PRO A 370 -18.82 8.70 -5.81
N LEU A 371 -18.60 8.69 -4.49
CA LEU A 371 -17.88 9.78 -3.84
C LEU A 371 -16.40 9.36 -3.78
N LEU A 372 -15.52 10.22 -4.25
CA LEU A 372 -14.06 9.95 -4.26
C LEU A 372 -13.39 10.74 -3.13
N PHE A 373 -12.68 10.03 -2.27
CA PHE A 373 -11.88 10.60 -1.16
C PHE A 373 -10.43 10.41 -1.53
N SER A 374 -9.65 11.46 -1.34
CA SER A 374 -8.20 11.44 -1.72
C SER A 374 -7.33 12.08 -0.64
N THR A 375 -6.53 11.23 0.01
CA THR A 375 -5.49 11.69 0.98
C THR A 375 -4.36 12.36 0.19
N TYR A 376 -4.13 11.95 -1.06
CA TYR A 376 -3.13 12.64 -1.93
C TYR A 376 -3.52 14.11 -2.15
N VAL A 377 -4.77 14.35 -2.56
CA VAL A 377 -5.26 15.73 -2.86
C VAL A 377 -5.22 16.50 -1.52
N MET A 378 -5.81 15.98 -0.44
CA MET A 378 -5.91 16.81 0.79
C MET A 378 -4.51 17.06 1.36
N GLY A 379 -3.61 16.11 1.20
CA GLY A 379 -2.21 16.30 1.70
C GLY A 379 -1.47 17.41 1.01
N ARG A 380 -1.89 17.82 -0.17
CA ARG A 380 -1.21 18.86 -0.97
C ARG A 380 -1.95 20.19 -1.01
N MET A 381 -3.04 20.33 -0.25
CA MET A 381 -3.83 21.55 -0.15
C MET A 381 -3.32 22.43 1.01
N ASP A 382 -2.95 23.65 0.69
CA ASP A 382 -2.54 24.66 1.72
C ASP A 382 -3.67 24.91 2.73
N THR A 383 -4.93 24.70 2.37
CA THR A 383 -6.10 24.79 3.30
C THR A 383 -5.85 23.85 4.49
N TYR A 384 -5.22 22.70 4.28
CA TYR A 384 -5.12 21.66 5.34
C TYR A 384 -3.69 21.53 5.85
N PHE A 385 -2.69 21.82 5.03
CA PHE A 385 -1.27 21.72 5.46
C PHE A 385 -0.52 22.96 5.01
N GLU A 386 -0.01 23.72 5.95
CA GLU A 386 0.84 24.90 5.62
C GLU A 386 2.07 24.45 4.83
N ASP A 387 2.40 25.14 3.76
CA ASP A 387 3.59 24.87 2.90
C ASP A 387 3.56 23.41 2.48
N PRO A 388 2.46 22.97 1.86
CA PRO A 388 2.22 21.56 1.72
C PRO A 388 3.29 20.76 0.97
N LEU A 389 4.06 21.40 0.08
CA LEU A 389 5.09 20.65 -0.66
C LEU A 389 6.39 20.53 0.16
N THR A 390 6.48 21.15 1.32
CA THR A 390 7.67 21.03 2.17
C THR A 390 7.60 19.71 2.94
N PHE A 391 8.66 18.91 2.85
CA PHE A 391 8.81 17.66 3.61
C PHE A 391 9.26 18.04 5.02
N ASN A 392 8.36 17.90 6.00
CA ASN A 392 8.60 18.37 7.39
C ASN A 392 8.08 17.33 8.38
N PRO A 393 8.93 16.40 8.85
CA PRO A 393 8.52 15.39 9.83
C PRO A 393 8.00 16.01 11.15
N ASP A 394 8.28 17.26 11.43
CA ASP A 394 7.85 17.89 12.70
C ASP A 394 6.32 18.06 12.65
N ARG A 395 5.65 17.98 11.49
CA ARG A 395 4.18 18.00 11.43
C ARG A 395 3.60 16.89 12.33
N PHE A 396 4.32 15.80 12.53
CA PHE A 396 3.86 14.61 13.28
C PHE A 396 4.54 14.54 14.65
N GLY A 397 5.16 15.59 15.12
CA GLY A 397 5.85 15.61 16.42
C GLY A 397 4.85 15.52 17.57
N PRO A 398 5.32 15.07 18.73
CA PRO A 398 4.47 14.90 19.90
C PRO A 398 3.64 16.12 20.24
N GLY A 399 4.19 17.34 20.22
CA GLY A 399 3.27 18.44 20.62
C GLY A 399 2.39 18.98 19.51
N ALA A 400 2.56 18.54 18.27
CA ALA A 400 1.89 19.11 17.09
C ALA A 400 0.41 18.70 17.08
N PRO A 401 -0.50 19.58 16.62
CA PRO A 401 -1.90 19.23 16.47
C PRO A 401 -2.07 18.14 15.41
N LYS A 402 -2.85 17.10 15.72
CA LYS A 402 -3.03 15.94 14.83
C LYS A 402 -3.93 16.39 13.68
N PRO A 403 -3.62 16.00 12.44
CA PRO A 403 -4.52 16.22 11.33
C PRO A 403 -5.89 15.62 11.71
N ARG A 404 -6.95 16.38 11.49
CA ARG A 404 -8.32 15.93 11.80
C ARG A 404 -9.02 15.67 10.47
N PHE A 405 -9.00 14.41 10.04
CA PHE A 405 -9.71 13.97 8.82
C PHE A 405 -9.16 14.61 7.54
N THR A 406 -7.88 14.92 7.50
CA THR A 406 -7.15 15.47 6.34
C THR A 406 -6.02 14.56 5.89
N TYR A 407 -5.85 13.44 6.57
CA TYR A 407 -4.70 12.55 6.33
C TYR A 407 -5.13 11.11 6.59
N PHE A 408 -5.08 10.28 5.56
CA PHE A 408 -5.61 8.92 5.70
C PHE A 408 -4.94 7.97 4.72
N PRO A 409 -3.63 7.78 4.85
CA PRO A 409 -2.94 6.87 3.92
C PRO A 409 -3.31 5.41 4.07
N PHE A 410 -3.96 5.01 5.16
CA PHE A 410 -4.49 3.64 5.36
C PHE A 410 -6.04 3.67 5.36
N SER A 411 -6.60 4.75 4.87
CA SER A 411 -8.04 5.08 4.96
C SER A 411 -8.46 5.15 6.43
N LEU A 412 -9.75 5.28 6.68
CA LEU A 412 -10.37 5.44 8.02
C LEU A 412 -11.62 4.61 8.11
N GLY A 413 -12.03 4.30 9.33
CA GLY A 413 -13.29 3.59 9.52
C GLY A 413 -13.18 2.11 9.26
N HIS A 414 -14.34 1.49 9.14
CA HIS A 414 -14.45 0.03 9.12
C HIS A 414 -13.68 -0.54 7.93
N ARG A 415 -13.56 0.19 6.84
CA ARG A 415 -12.85 -0.31 5.63
C ARG A 415 -11.40 0.18 5.61
N SER A 416 -10.82 0.51 6.77
CA SER A 416 -9.41 0.90 6.81
C SER A 416 -8.52 -0.33 6.56
N CYS A 417 -7.26 -0.07 6.24
CA CYS A 417 -6.32 -1.14 5.87
C CYS A 417 -6.19 -2.16 7.01
N ILE A 418 -6.46 -3.42 6.75
CA ILE A 418 -6.20 -4.47 7.79
C ILE A 418 -4.71 -4.66 8.05
N GLY A 419 -3.85 -4.30 7.08
CA GLY A 419 -2.42 -4.54 7.10
C GLY A 419 -1.66 -3.37 7.67
N GLN A 420 -2.36 -2.35 8.20
CA GLN A 420 -1.66 -1.09 8.55
C GLN A 420 -0.52 -1.34 9.53
N GLN A 421 -0.75 -2.06 10.63
CA GLN A 421 0.30 -2.26 11.69
C GLN A 421 1.40 -3.20 11.17
N PHE A 422 1.02 -4.24 10.40
CA PHE A 422 1.98 -5.12 9.66
C PHE A 422 2.92 -4.23 8.83
N ALA A 423 2.36 -3.35 8.00
CA ALA A 423 3.12 -2.46 7.09
C ALA A 423 4.00 -1.52 7.89
N GLN A 424 3.46 -0.91 8.93
CA GLN A 424 4.26 0.09 9.70
C GLN A 424 5.43 -0.61 10.39
N MET A 425 5.23 -1.82 10.91
CA MET A 425 6.35 -2.55 11.53
C MET A 425 7.38 -2.94 10.48
N GLU A 426 6.98 -3.53 9.36
CA GLU A 426 7.97 -4.04 8.40
C GLU A 426 8.77 -2.88 7.82
N VAL A 427 8.12 -1.75 7.57
CA VAL A 427 8.84 -0.63 6.91
CA VAL A 427 8.83 -0.62 6.92
C VAL A 427 9.82 -0.02 7.93
N LYS A 428 9.45 0.02 9.22
CA LYS A 428 10.37 0.61 10.24
C LYS A 428 11.60 -0.29 10.34
N VAL A 429 11.43 -1.61 10.30
CA VAL A 429 12.56 -2.57 10.41
C VAL A 429 13.46 -2.36 9.19
N VAL A 430 12.90 -2.37 7.99
CA VAL A 430 13.72 -2.22 6.77
C VAL A 430 14.46 -0.85 6.82
N MET A 431 13.74 0.22 7.09
CA MET A 431 14.38 1.55 7.05
C MET A 431 15.44 1.65 8.15
N ALA A 432 15.16 1.13 9.36
CA ALA A 432 16.14 1.22 10.48
C ALA A 432 17.43 0.51 10.07
N LYS A 433 17.33 -0.66 9.46
CA LYS A 433 18.53 -1.45 9.07
C LYS A 433 19.26 -0.74 7.95
N LEU A 434 18.61 -0.11 6.97
CA LEU A 434 19.30 0.66 5.92
C LEU A 434 20.05 1.86 6.51
N LEU A 435 19.39 2.57 7.42
CA LEU A 435 19.97 3.76 8.06
C LEU A 435 21.14 3.36 8.94
N GLN A 436 21.12 2.19 9.61
CA GLN A 436 22.21 1.74 10.50
C GLN A 436 23.48 1.60 9.66
N ARG A 437 23.35 1.10 8.43
CA ARG A 437 24.50 0.47 7.74
C ARG A 437 24.93 1.22 6.50
N LEU A 438 24.05 2.00 5.83
CA LEU A 438 24.37 2.50 4.48
C LEU A 438 24.07 3.98 4.32
N GLU A 439 24.77 4.60 3.39
CA GLU A 439 24.53 5.97 2.86
C GLU A 439 24.10 5.83 1.40
N PHE A 440 23.07 6.57 1.00
CA PHE A 440 22.49 6.50 -0.35
C PHE A 440 22.59 7.87 -1.04
N ARG A 441 22.99 7.90 -2.29
CA ARG A 441 22.97 9.10 -3.13
C ARG A 441 22.17 8.73 -4.37
N LEU A 442 21.20 9.56 -4.70
CA LEU A 442 20.36 9.35 -5.89
C LEU A 442 21.24 9.66 -7.10
N VAL A 443 21.26 8.81 -8.10
CA VAL A 443 22.05 9.05 -9.32
C VAL A 443 21.50 10.29 -10.01
N PRO A 444 22.34 11.26 -10.42
CA PRO A 444 21.85 12.43 -11.13
C PRO A 444 21.06 12.10 -12.39
N GLY A 445 19.99 12.82 -12.55
CA GLY A 445 19.03 12.56 -13.64
C GLY A 445 17.84 11.76 -13.15
N GLN A 446 17.92 11.11 -12.01
CA GLN A 446 16.77 10.40 -11.44
C GLN A 446 15.72 11.41 -11.02
N ARG A 447 14.48 11.13 -11.34
CA ARG A 447 13.36 12.06 -11.08
C ARG A 447 12.63 11.74 -9.77
N PHE A 448 11.90 12.75 -9.27
CA PHE A 448 11.09 12.62 -8.02
C PHE A 448 9.61 12.47 -8.39
N GLY A 449 9.32 12.33 -9.68
CA GLY A 449 7.93 12.26 -10.14
C GLY A 449 7.27 10.94 -9.83
N LEU A 450 5.96 10.93 -10.04
CA LEU A 450 5.15 9.73 -9.76
C LEU A 450 4.65 9.07 -11.04
N GLN A 451 4.30 7.81 -10.90
CA GLN A 451 3.46 7.10 -11.92
C GLN A 451 2.31 6.42 -11.17
N GLU A 452 1.22 6.18 -11.90
CA GLU A 452 0.11 5.39 -11.30
C GLU A 452 -0.02 4.08 -12.07
N GLN A 453 0.16 2.97 -11.39
CA GLN A 453 -0.24 1.65 -11.93
C GLN A 453 -1.49 1.26 -11.16
N ALA A 454 -1.47 0.23 -10.34
CA ALA A 454 -2.60 -0.03 -9.45
C ALA A 454 -2.50 0.97 -8.30
N THR A 455 -1.27 1.37 -7.98
CA THR A 455 -0.98 2.28 -6.85
C THR A 455 -0.09 3.41 -7.40
N LEU A 456 0.16 4.42 -6.58
CA LEU A 456 1.16 5.45 -6.91
C LEU A 456 2.55 4.93 -6.47
N LYS A 457 3.52 5.19 -7.30
CA LYS A 457 4.92 4.73 -7.04
C LYS A 457 5.84 5.65 -7.81
N PRO A 458 7.13 5.63 -7.45
CA PRO A 458 8.05 6.47 -8.20
C PRO A 458 8.07 6.14 -9.68
N LEU A 459 8.12 7.17 -10.51
CA LEU A 459 8.25 7.05 -11.98
C LEU A 459 9.56 6.32 -12.31
N ASP A 460 10.65 6.68 -11.65
CA ASP A 460 12.01 6.16 -11.95
C ASP A 460 12.31 5.04 -10.97
N PRO A 461 13.36 4.26 -11.24
CA PRO A 461 13.75 3.10 -10.42
C PRO A 461 14.40 3.45 -9.07
N VAL A 462 14.46 4.72 -8.72
CA VAL A 462 15.17 5.17 -7.48
C VAL A 462 16.60 4.60 -7.56
N LEU A 463 17.28 4.86 -8.67
CA LEU A 463 18.68 4.41 -8.88
C LEU A 463 19.62 5.20 -7.96
N CYS A 464 20.37 4.49 -7.10
CA CYS A 464 21.26 5.09 -6.10
C CYS A 464 22.64 4.46 -6.21
N THR A 465 23.64 5.22 -5.81
CA THR A 465 24.93 4.68 -5.39
C THR A 465 25.00 4.69 -3.86
N LEU A 466 25.74 3.75 -3.33
CA LEU A 466 25.75 3.44 -1.88
C LEU A 466 27.18 3.46 -1.36
N ARG A 467 27.31 3.80 -0.08
CA ARG A 467 28.57 3.64 0.66
C ARG A 467 28.22 3.11 2.04
N PRO A 468 29.10 2.32 2.68
CA PRO A 468 28.89 1.95 4.07
C PRO A 468 28.95 3.20 4.96
N ARG A 469 28.21 3.23 6.05
CA ARG A 469 28.46 4.30 7.05
C ARG A 469 29.88 4.17 7.58
CHA HEM B . -7.04 -1.72 2.52
CHB HEM B . -3.29 1.32 2.16
CHC HEM B . -0.33 -2.28 3.39
CHD HEM B . -3.97 -5.38 2.89
C1A HEM B . -6.27 -0.57 2.37
C2A HEM B . -6.82 0.72 2.08
C3A HEM B . -5.77 1.62 1.98
C4A HEM B . -4.57 0.84 2.20
CMA HEM B . -5.85 3.10 1.65
CAA HEM B . -8.27 1.09 1.84
CBA HEM B . -8.57 0.73 0.36
CGA HEM B . -10.01 1.04 -0.12
O1A HEM B . -10.37 0.69 -1.26
O2A HEM B . -10.75 1.66 0.64
C1B HEM B . -2.14 0.56 2.44
C2B HEM B . -0.84 1.14 2.54
C3B HEM B . 0.06 0.16 2.91
C4B HEM B . -0.78 -1.06 3.03
CMB HEM B . -0.49 2.58 2.24
CAB HEM B . 1.55 0.17 3.15
CBB HEM B . 2.28 1.24 3.41
C1C HEM B . -1.07 -3.44 3.44
C2C HEM B . -0.57 -4.70 3.83
C3C HEM B . -1.60 -5.61 3.68
C4C HEM B . -2.73 -4.89 3.19
CMC HEM B . 0.84 -4.93 4.35
CAC HEM B . -1.60 -7.06 4.03
CBC HEM B . -0.69 -7.72 4.71
C1D HEM B . -5.09 -4.58 2.70
C2D HEM B . -6.44 -5.21 2.67
C3D HEM B . -7.32 -4.19 2.60
C4D HEM B . -6.49 -2.98 2.62
CMD HEM B . -6.74 -6.68 2.62
CAD HEM B . -8.83 -4.24 2.60
CBD HEM B . -9.27 -4.11 4.06
CGD HEM B . -10.80 -4.20 4.28
O1D HEM B . -11.26 -4.85 5.28
O2D HEM B . -11.51 -3.61 3.49
NA HEM B . -4.89 -0.48 2.41
NB HEM B . -2.06 -0.73 2.73
NC HEM B . -2.37 -3.56 3.09
ND HEM B . -5.17 -3.23 2.68
FE HEM B . -3.66 -2.02 2.74
C1 EDO C . -5.52 3.72 -5.45
O1 EDO C . -4.20 4.23 -5.18
C2 EDO C . -6.52 4.23 -4.51
O2 EDO C . -6.22 3.89 -3.17
C4 04Y D . -3.99 -3.57 -4.16
C5 04Y D . -1.69 -2.90 -4.25
C6 04Y D . -2.07 -3.05 -1.15
C7 04Y D . -2.28 -2.81 0.19
C8 04Y D . -4.27 -1.70 -0.24
C10 04Y D . -3.02 -2.62 -2.11
C13 04Y D . -10.85 2.21 -6.11
C15 04Y D . -7.38 -0.79 -3.13
C17 04Y D . -6.41 -0.89 -1.95
C20 04Y D . -9.92 1.04 -6.21
C1 04Y D . -2.68 -3.81 -6.23
C2 04Y D . -3.88 -3.97 -5.52
C3 04Y D . -1.59 -3.31 -5.57
C9 04Y D . -2.87 -3.00 -3.53
C11 04Y D . -4.12 -1.90 -1.59
C12 04Y D . -7.79 0.23 -5.43
C14 04Y D . -9.90 2.13 -7.27
C16 04Y D . -5.43 -0.21 -4.67
C18 04Y D . -4.52 -0.38 -3.46
C19 04Y D . -6.84 0.19 -4.23
N21 04Y D . -3.39 -2.19 0.66
N22 04Y D . -5.12 -1.36 -2.53
N23 04Y D . -8.92 0.94 -5.19
O24 04Y D . -7.58 -0.32 -6.53
C1 GOL E . -20.50 16.21 3.99
O1 GOL E . -21.47 15.20 4.25
C2 GOL E . -20.40 17.18 5.14
O2 GOL E . -21.45 16.91 6.06
C3 GOL E . -20.48 18.62 4.70
O3 GOL E . -21.73 18.89 4.06
C1 EDO F . -18.23 -1.27 2.68
O1 EDO F . -18.53 -1.80 1.41
C2 EDO F . -18.99 -1.77 3.78
O2 EDO F . -18.37 -2.64 4.63
#